data_9GR5
#
_entry.id   9GR5
#
_cell.length_a   43.725
_cell.length_b   73.914
_cell.length_c   43.732
_cell.angle_alpha   90.000
_cell.angle_beta   119.264
_cell.angle_gamma   90.000
#
_symmetry.space_group_name_H-M   'P 1 21 1'
#
loop_
_entity.id
_entity.type
_entity.pdbx_description
1 polymer 'Fucose-binding lectin protein'
2 non-polymer beta-D-fructopyranose
3 non-polymer '25,26,27,28-tetrahydroxypentacyclo[19.3.1.1~3,7~.1~9,13~.1~15,19~]octacosa-1(25),3(28),4,6,9(27),10,12,15(26),16,18,21,23-dodecaene-5,11,17,23-tetrasulfonic acid'
4 water water
#
_entity_poly.entity_id   1
_entity_poly.type   'polypeptide(L)'
_entity_poly.pdbx_seq_one_letter_code
;MKAASVQTAATSWGTVPSIRVYTANNGKITERCWDGKGWYTGAFNEPGDNVSVTSWLVGSAIHIRVYASTGTTTTEWCWD
GNGWTKGAYTATN
;
_entity_poly.pdbx_strand_id   A,B,C
#
loop_
_chem_comp.id
_chem_comp.type
_chem_comp.name
_chem_comp.formula
BDF D-saccharide, beta linking beta-D-fructopyranose 'C6 H12 O6'
T3Y non-polymer '25,26,27,28-tetrahydroxypentacyclo[19.3.1.1~3,7~.1~9,13~.1~15,19~]octacosa-1(25),3(28),4,6,9(27),10,12,15(26),16,18,21,23-dodecaene-5,11,17,23-tetrasulfonic acid' 'C28 H24 O16 S4'
#
# COMPACT_ATOMS: atom_id res chain seq x y z
N MET A 1 11.81 -9.90 20.88
CA MET A 1 10.62 -10.68 20.55
C MET A 1 10.90 -11.64 19.39
N LYS A 2 9.87 -12.31 18.89
CA LYS A 2 9.98 -13.19 17.74
C LYS A 2 9.08 -12.67 16.62
N ALA A 3 9.64 -12.56 15.42
CA ALA A 3 8.90 -12.11 14.25
C ALA A 3 8.27 -13.31 13.57
N ALA A 4 6.94 -13.43 13.69
CA ALA A 4 6.23 -14.48 12.96
C ALA A 4 6.26 -14.22 11.46
N SER A 5 5.86 -13.02 11.04
CA SER A 5 5.91 -12.63 9.65
C SER A 5 6.04 -11.11 9.60
N VAL A 6 6.91 -10.62 8.71
CA VAL A 6 7.08 -9.18 8.56
C VAL A 6 5.95 -8.61 7.72
N GLN A 7 5.80 -7.28 7.77
N GLN A 7 5.80 -7.29 7.79
CA GLN A 7 4.78 -6.56 7.01
CA GLN A 7 4.81 -6.56 7.01
C GLN A 7 5.46 -5.43 6.25
C GLN A 7 5.57 -5.51 6.22
N THR A 8 5.25 -5.37 4.94
CA THR A 8 5.93 -4.39 4.10
C THR A 8 4.98 -3.39 3.49
N ALA A 9 5.58 -2.29 3.03
CA ALA A 9 4.92 -1.28 2.23
C ALA A 9 5.92 -0.81 1.19
N ALA A 10 5.44 -0.36 0.04
CA ALA A 10 6.33 -0.04 -1.07
C ALA A 10 5.80 1.16 -1.83
N THR A 11 6.72 1.98 -2.34
CA THR A 11 6.40 3.08 -3.25
C THR A 11 7.49 3.18 -4.32
N SER A 12 7.17 3.83 -5.43
CA SER A 12 8.11 3.95 -6.55
C SER A 12 7.86 5.26 -7.30
N TRP A 13 8.87 5.70 -8.07
CA TRP A 13 8.73 6.93 -8.84
C TRP A 13 9.68 6.95 -10.03
N GLY A 14 9.31 7.73 -11.04
CA GLY A 14 10.13 7.85 -12.23
C GLY A 14 10.12 6.61 -13.10
N THR A 15 11.06 6.58 -14.05
CA THR A 15 11.11 5.52 -15.04
C THR A 15 12.33 4.61 -14.90
N VAL A 16 13.28 4.94 -14.01
CA VAL A 16 14.38 4.03 -13.74
C VAL A 16 13.90 2.66 -13.25
N PRO A 17 13.02 2.55 -12.25
CA PRO A 17 12.50 3.60 -11.38
C PRO A 17 13.35 3.66 -10.11
N SER A 18 12.98 4.53 -9.19
CA SER A 18 13.39 4.42 -7.81
C SER A 18 12.27 3.73 -7.06
N ILE A 19 12.64 2.77 -6.21
CA ILE A 19 11.70 2.05 -5.36
C ILE A 19 12.17 2.16 -3.91
N ARG A 20 11.22 2.30 -2.97
CA ARG A 20 11.49 2.19 -1.55
C ARG A 20 10.56 1.15 -0.94
N VAL A 21 11.13 0.22 -0.18
CA VAL A 21 10.38 -0.85 0.47
C VAL A 21 10.63 -0.74 1.96
N TYR A 22 9.55 -0.57 2.72
CA TYR A 22 9.61 -0.43 4.17
C TYR A 22 9.16 -1.74 4.79
N THR A 23 9.93 -2.24 5.77
CA THR A 23 9.63 -3.49 6.42
C THR A 23 9.49 -3.28 7.92
N ALA A 24 8.32 -3.60 8.44
CA ALA A 24 8.07 -3.62 9.88
C ALA A 24 8.42 -5.01 10.39
N ASN A 25 9.36 -5.08 11.32
CA ASN A 25 9.89 -6.34 11.81
C ASN A 25 10.29 -6.12 13.26
N ASN A 26 9.63 -6.82 14.19
CA ASN A 26 9.96 -6.71 15.61
C ASN A 26 9.86 -5.28 16.11
N GLY A 27 8.79 -4.58 15.70
CA GLY A 27 8.58 -3.23 16.19
C GLY A 27 9.48 -2.16 15.62
N LYS A 28 10.31 -2.49 14.63
CA LYS A 28 11.20 -1.53 13.97
C LYS A 28 10.89 -1.56 12.48
N ILE A 29 10.75 -0.38 11.88
CA ILE A 29 10.60 -0.26 10.43
C ILE A 29 11.93 0.18 9.85
N THR A 30 12.42 -0.58 8.87
CA THR A 30 13.62 -0.23 8.13
C THR A 30 13.27 -0.15 6.64
N GLU A 31 14.21 0.37 5.85
CA GLU A 31 13.96 0.79 4.47
C GLU A 31 15.04 0.24 3.55
N ARG A 32 14.62 -0.31 2.41
CA ARG A 32 15.53 -0.73 1.36
C ARG A 32 15.22 0.09 0.11
N CYS A 33 16.27 0.43 -0.63
CA CYS A 33 16.19 1.37 -1.74
C CYS A 33 16.77 0.75 -3.01
N TRP A 34 16.10 1.06 -4.12
CA TRP A 34 16.59 0.76 -5.45
C TRP A 34 16.57 2.05 -6.24
N ASP A 35 17.71 2.41 -6.84
CA ASP A 35 17.75 3.50 -7.81
C ASP A 35 18.31 3.01 -9.15
N GLY A 36 18.13 1.72 -9.46
CA GLY A 36 18.54 1.19 -10.75
C GLY A 36 19.83 0.40 -10.74
N LYS A 37 20.54 0.36 -9.63
CA LYS A 37 21.91 -0.17 -9.61
C LYS A 37 22.15 -1.03 -8.38
N GLY A 38 21.14 -1.75 -7.92
CA GLY A 38 21.35 -2.58 -6.76
C GLY A 38 20.56 -2.05 -5.57
N TRP A 39 20.17 -2.96 -4.69
CA TRP A 39 19.41 -2.60 -3.50
C TRP A 39 20.38 -2.23 -2.39
N TYR A 40 20.04 -1.20 -1.62
CA TYR A 40 20.87 -0.76 -0.52
C TYR A 40 19.96 -0.26 0.59
N THR A 41 20.54 -0.08 1.78
CA THR A 41 19.76 0.27 2.96
C THR A 41 19.59 1.78 3.09
N GLY A 42 18.37 2.20 3.36
CA GLY A 42 18.07 3.62 3.45
C GLY A 42 18.20 4.15 4.86
N ALA A 43 18.03 5.47 4.98
CA ALA A 43 18.17 6.14 6.26
C ALA A 43 16.95 5.98 7.17
N PHE A 44 15.80 5.58 6.65
CA PHE A 44 14.61 5.50 7.49
C PHE A 44 14.77 4.37 8.50
N ASN A 45 14.62 4.70 9.78
CA ASN A 45 14.65 3.68 10.82
C ASN A 45 13.90 4.25 12.02
N GLU A 46 12.65 3.84 12.18
CA GLU A 46 11.78 4.34 13.24
C GLU A 46 10.93 3.20 13.77
N PRO A 47 10.41 3.33 14.99
CA PRO A 47 9.57 2.26 15.55
C PRO A 47 8.28 2.09 14.79
N GLY A 48 7.76 0.86 14.81
CA GLY A 48 6.46 0.57 14.25
C GLY A 48 6.19 -0.91 14.09
N ASP A 49 4.94 -1.30 14.29
CA ASP A 49 4.45 -2.65 14.00
C ASP A 49 3.77 -2.74 12.64
N ASN A 50 3.34 -1.60 12.10
CA ASN A 50 2.59 -1.54 10.86
C ASN A 50 3.04 -0.33 10.08
N VAL A 51 3.11 -0.47 8.77
CA VAL A 51 3.61 0.61 7.92
C VAL A 51 2.76 0.72 6.66
N SER A 52 2.48 1.95 6.26
CA SER A 52 2.00 2.27 4.94
C SER A 52 2.80 3.45 4.40
N VAL A 53 2.73 3.67 3.09
CA VAL A 53 3.53 4.74 2.49
C VAL A 53 2.84 5.29 1.26
N THR A 54 3.05 6.58 1.01
CA THR A 54 2.68 7.20 -0.26
C THR A 54 3.78 8.19 -0.64
N SER A 55 3.87 8.51 -1.93
CA SER A 55 4.88 9.45 -2.38
C SER A 55 4.38 10.18 -3.63
N TRP A 56 4.97 11.35 -3.90
CA TRP A 56 4.57 12.12 -5.07
C TRP A 56 5.74 12.99 -5.52
N LEU A 57 5.71 13.37 -6.79
CA LEU A 57 6.76 14.21 -7.37
C LEU A 57 6.28 15.65 -7.46
N VAL A 58 7.17 16.57 -7.09
CA VAL A 58 7.02 17.99 -7.36
C VAL A 58 8.14 18.35 -8.33
N GLY A 59 7.80 18.43 -9.61
CA GLY A 59 8.84 18.48 -10.63
C GLY A 59 9.55 17.14 -10.63
N SER A 60 10.86 17.16 -10.42
CA SER A 60 11.65 15.94 -10.30
C SER A 60 12.05 15.64 -8.86
N ALA A 61 11.49 16.37 -7.90
CA ALA A 61 11.79 16.15 -6.49
C ALA A 61 10.78 15.16 -5.91
N ILE A 62 11.28 14.19 -5.14
CA ILE A 62 10.43 13.17 -4.54
C ILE A 62 10.03 13.62 -3.13
N HIS A 63 8.79 13.32 -2.76
CA HIS A 63 8.29 13.54 -1.42
C HIS A 63 7.65 12.24 -0.95
N ILE A 64 8.09 11.74 0.22
CA ILE A 64 7.64 10.45 0.74
C ILE A 64 7.00 10.66 2.10
N ARG A 65 5.87 9.99 2.34
CA ARG A 65 5.27 9.97 3.66
C ARG A 65 5.08 8.54 4.13
N VAL A 66 5.58 8.24 5.32
CA VAL A 66 5.54 6.90 5.91
C VAL A 66 4.67 6.97 7.17
N TYR A 67 3.65 6.14 7.23
CA TYR A 67 2.74 6.11 8.36
C TYR A 67 3.08 4.88 9.18
N ALA A 68 3.69 5.11 10.34
CA ALA A 68 4.19 4.06 11.22
C ALA A 68 3.28 3.98 12.43
N SER A 69 2.70 2.81 12.67
CA SER A 69 1.75 2.62 13.75
C SER A 69 2.27 1.62 14.77
N THR A 70 2.12 1.98 16.05
CA THR A 70 2.36 1.08 17.18
C THR A 70 1.19 1.29 18.12
N GLY A 71 0.49 0.21 18.46
CA GLY A 71 -0.75 0.39 19.20
C GLY A 71 -1.73 1.22 18.39
N THR A 72 -2.34 2.21 19.03
CA THR A 72 -3.30 3.07 18.35
C THR A 72 -2.70 4.41 17.94
N THR A 73 -1.37 4.54 17.97
CA THR A 73 -0.71 5.79 17.63
C THR A 73 0.01 5.63 16.30
N THR A 74 -0.40 6.42 15.31
CA THR A 74 0.23 6.44 13.99
C THR A 74 1.06 7.71 13.88
N THR A 75 2.33 7.56 13.56
CA THR A 75 3.23 8.69 13.35
C THR A 75 3.58 8.79 11.87
N GLU A 76 3.42 9.98 11.29
CA GLU A 76 3.82 10.26 9.93
C GLU A 76 5.26 10.74 9.93
N TRP A 77 6.06 10.17 9.05
CA TRP A 77 7.43 10.57 8.84
C TRP A 77 7.56 11.09 7.42
N CYS A 78 8.27 12.19 7.25
CA CYS A 78 8.29 12.92 6.00
C CYS A 78 9.71 12.97 5.44
N TRP A 79 9.83 12.67 4.16
CA TRP A 79 11.05 12.90 3.43
C TRP A 79 10.79 13.97 2.38
N ASP A 80 11.44 15.13 2.55
CA ASP A 80 11.33 16.22 1.61
C ASP A 80 12.71 16.69 1.16
N GLY A 81 13.68 15.79 1.19
CA GLY A 81 15.00 16.03 0.65
C GLY A 81 16.10 16.20 1.68
N ASN A 82 15.77 16.40 2.96
CA ASN A 82 16.77 16.74 3.96
C ASN A 82 16.50 16.03 5.28
N GLY A 83 16.40 14.71 5.24
CA GLY A 83 16.22 13.93 6.43
C GLY A 83 14.75 13.66 6.73
N TRP A 84 14.53 12.65 7.57
CA TRP A 84 13.18 12.25 7.94
C TRP A 84 12.72 13.10 9.12
N THR A 85 11.62 13.81 8.93
CA THR A 85 11.05 14.64 9.98
C THR A 85 9.64 14.16 10.30
N LYS A 86 9.26 14.25 11.56
CA LYS A 86 7.89 13.93 11.94
C LYS A 86 6.92 14.93 11.31
N GLY A 87 5.84 14.40 10.73
CA GLY A 87 4.85 15.23 10.09
C GLY A 87 3.72 15.63 11.02
N ALA A 88 2.83 16.46 10.47
CA ALA A 88 1.68 16.99 11.19
C ALA A 88 0.54 15.98 11.35
N TYR A 89 0.60 14.80 10.71
CA TYR A 89 -0.51 13.87 10.82
C TYR A 89 -0.80 13.50 12.26
N THR A 90 -2.07 13.58 12.62
CA THR A 90 -2.58 13.05 13.86
C THR A 90 -3.88 12.31 13.59
N ALA A 91 -4.18 11.34 14.44
CA ALA A 91 -5.49 10.71 14.49
C ALA A 91 -5.84 10.47 15.94
N THR A 92 -7.12 10.24 16.20
CA THR A 92 -7.61 9.85 17.52
C THR A 92 -8.16 8.44 17.39
N ASN A 93 -7.29 7.45 17.56
CA ASN A 93 -7.67 6.04 17.47
C ASN A 93 -7.94 5.47 18.87
N ALA B 4 -1.83 -6.24 16.79
CA ALA B 4 -0.86 -5.64 17.70
C ALA B 4 -0.90 -4.12 17.61
N SER B 5 -1.62 -3.61 16.62
CA SER B 5 -1.67 -2.19 16.34
C SER B 5 -2.79 -1.94 15.33
N VAL B 6 -3.14 -0.67 15.16
CA VAL B 6 -3.99 -0.33 14.04
C VAL B 6 -3.24 -0.60 12.73
N GLN B 7 -4.00 -0.75 11.67
N GLN B 7 -4.00 -0.83 11.68
CA GLN B 7 -3.46 -1.04 10.34
CA GLN B 7 -3.47 -1.04 10.35
C GLN B 7 -3.89 0.07 9.39
C GLN B 7 -3.86 0.15 9.48
N THR B 8 -2.93 0.63 8.67
CA THR B 8 -3.19 1.82 7.84
C THR B 8 -2.91 1.55 6.37
N ALA B 9 -3.49 2.42 5.54
CA ALA B 9 -3.20 2.48 4.12
C ALA B 9 -3.27 3.94 3.69
N ALA B 10 -2.44 4.33 2.73
CA ALA B 10 -2.33 5.73 2.33
C ALA B 10 -2.28 5.87 0.83
N THR B 11 -2.91 6.95 0.32
CA THR B 11 -2.81 7.32 -1.07
C THR B 11 -2.66 8.84 -1.14
N SER B 12 -2.20 9.32 -2.30
CA SER B 12 -2.03 10.75 -2.50
C SER B 12 -2.19 11.07 -3.98
N TRP B 13 -2.55 12.32 -4.27
CA TRP B 13 -2.70 12.72 -5.66
C TRP B 13 -2.34 14.19 -5.81
N GLY B 14 -1.92 14.55 -7.02
CA GLY B 14 -1.61 15.93 -7.33
C GLY B 14 -0.27 16.37 -6.77
N THR B 15 -0.07 17.68 -6.79
CA THR B 15 1.17 18.27 -6.28
C THR B 15 0.97 19.09 -5.03
N VAL B 16 -0.28 19.34 -4.60
CA VAL B 16 -0.50 20.02 -3.32
C VAL B 16 0.22 19.33 -2.16
N PRO B 17 0.08 18.01 -1.93
CA PRO B 17 -0.82 17.06 -2.57
C PRO B 17 -2.06 16.93 -1.71
N SER B 18 -3.08 16.21 -2.16
CA SER B 18 -4.06 15.64 -1.25
C SER B 18 -3.55 14.28 -0.82
N ILE B 19 -3.75 13.96 0.45
CA ILE B 19 -3.40 12.65 1.00
C ILE B 19 -4.65 12.14 1.73
N ARG B 20 -4.88 10.83 1.63
CA ARG B 20 -5.90 10.17 2.44
C ARG B 20 -5.24 9.02 3.18
N VAL B 21 -5.47 8.93 4.48
CA VAL B 21 -4.93 7.87 5.33
C VAL B 21 -6.09 7.14 5.96
N TYR B 22 -6.18 5.84 5.71
CA TYR B 22 -7.25 4.99 6.22
C TYR B 22 -6.70 4.14 7.36
N THR B 23 -7.45 4.04 8.44
CA THR B 23 -6.99 3.31 9.62
C THR B 23 -8.05 2.30 10.03
N ALA B 24 -7.65 1.02 10.10
CA ALA B 24 -8.50 -0.03 10.63
C ALA B 24 -8.18 -0.21 12.10
N ASN B 25 -9.19 -0.07 12.95
CA ASN B 25 -9.05 -0.15 14.39
C ASN B 25 -10.27 -0.85 14.94
N ASN B 26 -10.07 -1.99 15.58
CA ASN B 26 -11.13 -2.72 16.27
C ASN B 26 -12.34 -2.96 15.39
N GLY B 27 -12.09 -3.29 14.11
CA GLY B 27 -13.14 -3.64 13.20
C GLY B 27 -13.72 -2.53 12.35
N LYS B 28 -13.29 -1.29 12.57
CA LYS B 28 -13.81 -0.14 11.84
C LYS B 28 -12.68 0.62 11.16
N ILE B 29 -12.92 1.05 9.92
CA ILE B 29 -11.98 1.84 9.15
C ILE B 29 -12.48 3.28 9.08
N THR B 30 -11.61 4.21 9.47
CA THR B 30 -11.88 5.64 9.37
C THR B 30 -10.79 6.30 8.51
N GLU B 31 -11.00 7.57 8.19
CA GLU B 31 -10.26 8.29 7.18
C GLU B 31 -9.83 9.65 7.70
N ARG B 32 -8.57 10.00 7.46
CA ARG B 32 -8.04 11.34 7.73
C ARG B 32 -7.53 11.94 6.42
N CYS B 33 -7.70 13.24 6.28
CA CYS B 33 -7.52 13.91 4.99
C CYS B 33 -6.59 15.09 5.12
N TRP B 34 -5.73 15.25 4.12
CA TRP B 34 -4.88 16.41 3.97
C TRP B 34 -5.11 16.96 2.58
N ASP B 35 -5.48 18.23 2.50
CA ASP B 35 -5.54 18.94 1.23
C ASP B 35 -4.64 20.17 1.23
N GLY B 36 -3.56 20.13 2.01
CA GLY B 36 -2.54 21.15 1.96
C GLY B 36 -2.57 22.17 3.09
N LYS B 37 -3.58 22.10 3.97
CA LYS B 37 -3.81 23.14 4.97
C LYS B 37 -4.26 22.57 6.31
N GLY B 38 -3.83 21.37 6.66
CA GLY B 38 -4.22 20.76 7.91
C GLY B 38 -4.95 19.44 7.74
N TRP B 39 -4.86 18.57 8.75
CA TRP B 39 -5.54 17.28 8.69
C TRP B 39 -6.96 17.40 9.25
N TYR B 40 -7.90 16.70 8.62
CA TYR B 40 -9.28 16.69 9.07
C TYR B 40 -9.88 15.31 8.80
N THR B 41 -11.00 15.02 9.44
CA THR B 41 -11.61 13.71 9.34
C THR B 41 -12.52 13.67 8.12
N GLY B 42 -12.42 12.58 7.36
CA GLY B 42 -13.23 12.39 6.18
C GLY B 42 -14.47 11.55 6.43
N ALA B 43 -15.25 11.41 5.36
CA ALA B 43 -16.54 10.75 5.43
C ALA B 43 -16.45 9.23 5.42
N PHE B 44 -15.32 8.65 5.03
CA PHE B 44 -15.25 7.19 4.95
C PHE B 44 -15.35 6.57 6.34
N ASN B 45 -16.32 5.66 6.53
CA ASN B 45 -16.43 4.92 7.78
C ASN B 45 -17.19 3.63 7.48
N GLU B 46 -16.46 2.53 7.36
CA GLU B 46 -17.02 1.22 7.01
C GLU B 46 -16.28 0.15 7.78
N PRO B 47 -16.89 -1.02 7.97
CA PRO B 47 -16.21 -2.08 8.72
C PRO B 47 -15.01 -2.63 7.97
N GLY B 48 -14.00 -3.04 8.75
CA GLY B 48 -12.83 -3.69 8.21
C GLY B 48 -11.78 -3.96 9.26
N ASP B 49 -11.14 -5.14 9.19
CA ASP B 49 -9.96 -5.43 10.01
C ASP B 49 -8.67 -5.06 9.31
N ASN B 50 -8.66 -5.13 7.98
CA ASN B 50 -7.50 -4.86 7.15
C ASN B 50 -7.95 -3.91 6.04
N VAL B 51 -7.00 -3.11 5.55
CA VAL B 51 -7.35 -2.09 4.56
C VAL B 51 -6.18 -1.88 3.60
N SER B 52 -6.52 -1.67 2.33
CA SER B 52 -5.59 -1.17 1.33
C SER B 52 -6.34 -0.13 0.50
N VAL B 53 -5.59 0.65 -0.26
CA VAL B 53 -6.18 1.75 -1.02
C VAL B 53 -5.37 2.00 -2.28
N THR B 54 -6.06 2.41 -3.33
CA THR B 54 -5.42 2.96 -4.51
C THR B 54 -6.29 4.09 -5.03
N SER B 55 -5.70 4.98 -5.83
CA SER B 55 -6.46 6.08 -6.39
C SER B 55 -5.85 6.50 -7.72
N TRP B 56 -6.66 7.18 -8.53
CA TRP B 56 -6.20 7.63 -9.85
C TRP B 56 -6.98 8.88 -10.24
N LEU B 57 -6.36 9.70 -11.07
CA LEU B 57 -6.98 10.91 -11.56
C LEU B 57 -7.46 10.70 -12.99
N VAL B 58 -8.69 11.16 -13.27
CA VAL B 58 -9.16 11.34 -14.63
C VAL B 58 -9.23 12.85 -14.83
N GLY B 59 -8.27 13.40 -15.56
CA GLY B 59 -8.12 14.83 -15.62
C GLY B 59 -7.77 15.39 -14.25
N SER B 60 -8.67 16.16 -13.66
CA SER B 60 -8.49 16.67 -12.30
C SER B 60 -9.40 16.02 -11.29
N ALA B 61 -10.18 15.02 -11.70
CA ALA B 61 -11.11 14.34 -10.81
C ALA B 61 -10.44 13.12 -10.19
N ILE B 62 -10.67 12.93 -8.89
CA ILE B 62 -10.06 11.84 -8.15
C ILE B 62 -11.05 10.69 -8.04
N HIS B 63 -10.52 9.47 -8.16
CA HIS B 63 -11.28 8.24 -7.94
C HIS B 63 -10.49 7.41 -6.94
N ILE B 64 -11.13 7.02 -5.84
CA ILE B 64 -10.48 6.27 -4.77
C ILE B 64 -11.17 4.91 -4.62
N ARG B 65 -10.37 3.87 -4.41
CA ARG B 65 -10.89 2.54 -4.11
C ARG B 65 -10.23 2.04 -2.83
N VAL B 66 -11.06 1.74 -1.83
CA VAL B 66 -10.61 1.21 -0.55
C VAL B 66 -11.06 -0.24 -0.45
N TYR B 67 -10.13 -1.15 -0.15
CA TYR B 67 -10.40 -2.59 -0.06
C TYR B 67 -10.41 -2.96 1.41
N ALA B 68 -11.61 -3.21 1.96
CA ALA B 68 -11.79 -3.45 3.38
C ALA B 68 -12.03 -4.94 3.59
N SER B 69 -11.21 -5.57 4.42
CA SER B 69 -11.29 -7.01 4.61
C SER B 69 -11.68 -7.37 6.04
N THR B 70 -12.60 -8.31 6.17
CA THR B 70 -13.00 -8.89 7.44
C THR B 70 -13.16 -10.38 7.20
N GLY B 71 -12.38 -11.19 7.92
CA GLY B 71 -12.38 -12.61 7.62
C GLY B 71 -11.84 -12.82 6.22
N THR B 72 -12.55 -13.62 5.42
CA THR B 72 -12.15 -13.85 4.03
C THR B 72 -12.93 -13.01 3.04
N THR B 73 -13.68 -12.00 3.50
CA THR B 73 -14.51 -11.20 2.63
C THR B 73 -13.90 -9.80 2.50
N THR B 74 -13.57 -9.42 1.26
CA THR B 74 -13.04 -8.10 0.97
C THR B 74 -14.12 -7.32 0.22
N THR B 75 -14.49 -6.17 0.77
CA THR B 75 -15.45 -5.27 0.16
C THR B 75 -14.71 -4.06 -0.41
N GLU B 76 -15.00 -3.71 -1.65
CA GLU B 76 -14.45 -2.53 -2.29
C GLU B 76 -15.41 -1.36 -2.12
N TRP B 77 -14.87 -0.23 -1.66
CA TRP B 77 -15.60 1.01 -1.50
C TRP B 77 -15.01 2.04 -2.47
N CYS B 78 -15.89 2.79 -3.12
CA CYS B 78 -15.54 3.62 -4.27
C CYS B 78 -15.95 5.06 -3.98
N TRP B 79 -14.99 5.97 -4.15
CA TRP B 79 -15.26 7.41 -4.18
C TRP B 79 -15.06 7.89 -5.60
N ASP B 80 -16.12 8.48 -6.17
CA ASP B 80 -16.07 8.97 -7.54
C ASP B 80 -16.67 10.37 -7.61
N GLY B 81 -16.44 11.17 -6.58
CA GLY B 81 -16.83 12.56 -6.56
C GLY B 81 -18.13 12.86 -5.83
N ASN B 82 -18.89 11.85 -5.42
CA ASN B 82 -20.17 12.11 -4.76
C ASN B 82 -20.56 10.95 -3.84
N GLY B 83 -19.78 10.71 -2.80
CA GLY B 83 -20.10 9.73 -1.78
C GLY B 83 -19.47 8.37 -2.04
N TRP B 84 -19.38 7.57 -0.98
CA TRP B 84 -18.78 6.24 -1.06
C TRP B 84 -19.83 5.20 -1.41
N THR B 85 -19.60 4.45 -2.48
CA THR B 85 -20.51 3.42 -2.94
C THR B 85 -19.78 2.09 -3.03
N LYS B 86 -20.51 1.00 -2.84
CA LYS B 86 -19.91 -0.33 -2.86
C LYS B 86 -19.59 -0.71 -4.30
N GLY B 87 -18.37 -1.20 -4.52
CA GLY B 87 -17.96 -1.59 -5.86
C GLY B 87 -18.21 -3.06 -6.19
N ALA B 88 -17.94 -3.41 -7.44
CA ALA B 88 -18.20 -4.76 -7.93
C ALA B 88 -17.16 -5.78 -7.47
N TYR B 89 -16.05 -5.37 -6.84
CA TYR B 89 -15.00 -6.32 -6.50
C TYR B 89 -15.54 -7.54 -5.74
N THR B 90 -15.15 -8.72 -6.20
CA THR B 90 -15.31 -9.94 -5.42
C THR B 90 -14.03 -10.75 -5.53
N ALA B 91 -13.85 -11.64 -4.56
CA ALA B 91 -12.83 -12.67 -4.58
C ALA B 91 -13.42 -13.92 -3.98
N THR B 92 -12.70 -15.04 -4.12
CA THR B 92 -13.12 -16.33 -3.55
C THR B 92 -12.03 -16.82 -2.62
N ASN B 93 -12.04 -16.30 -1.39
CA ASN B 93 -11.03 -16.65 -0.39
C ASN B 93 -11.54 -17.73 0.55
N MET C 1 -7.66 -23.67 13.72
CA MET C 1 -8.03 -22.28 13.97
C MET C 1 -8.80 -21.71 12.77
N LYS C 2 -9.77 -20.84 13.06
CA LYS C 2 -10.47 -20.14 12.02
C LYS C 2 -9.50 -19.22 11.27
N ALA C 3 -9.64 -19.17 9.96
CA ALA C 3 -8.72 -18.37 9.15
C ALA C 3 -8.79 -16.91 9.55
N ALA C 4 -7.63 -16.33 9.85
CA ALA C 4 -7.57 -14.92 10.21
C ALA C 4 -7.92 -14.04 9.02
N SER C 5 -8.22 -12.77 9.32
CA SER C 5 -8.64 -11.84 8.28
C SER C 5 -7.58 -11.74 7.19
N VAL C 6 -8.03 -11.74 5.94
CA VAL C 6 -7.09 -11.65 4.83
C VAL C 6 -6.48 -10.25 4.78
N GLN C 7 -5.35 -10.16 4.10
CA GLN C 7 -4.61 -8.92 3.97
C GLN C 7 -4.43 -8.62 2.50
N THR C 8 -4.66 -7.38 2.09
CA THR C 8 -4.64 -7.05 0.67
C THR C 8 -3.69 -5.90 0.39
N ALA C 9 -3.34 -5.78 -0.89
CA ALA C 9 -2.57 -4.67 -1.43
C ALA C 9 -3.12 -4.35 -2.81
N ALA C 10 -3.11 -3.08 -3.19
CA ALA C 10 -3.75 -2.68 -4.44
C ALA C 10 -2.90 -1.64 -5.15
N THR C 11 -2.94 -1.68 -6.47
CA THR C 11 -2.28 -0.69 -7.32
C THR C 11 -3.19 -0.42 -8.51
N SER C 12 -3.00 0.72 -9.17
CA SER C 12 -3.82 1.06 -10.32
C SER C 12 -3.03 1.95 -11.26
N TRP C 13 -3.43 1.96 -12.54
CA TRP C 13 -2.76 2.80 -13.52
C TRP C 13 -3.71 3.18 -14.65
N GLY C 14 -3.35 4.28 -15.31
CA GLY C 14 -4.13 4.82 -16.40
C GLY C 14 -5.41 5.47 -15.94
N THR C 15 -6.32 5.69 -16.89
CA THR C 15 -7.60 6.31 -16.61
C THR C 15 -8.81 5.40 -16.84
N VAL C 16 -8.62 4.21 -17.41
CA VAL C 16 -9.73 3.26 -17.53
C VAL C 16 -10.40 2.98 -16.19
N PRO C 17 -9.68 2.64 -15.10
CA PRO C 17 -8.25 2.32 -15.04
C PRO C 17 -8.07 0.82 -15.07
N SER C 18 -6.81 0.39 -14.99
CA SER C 18 -6.51 -0.98 -14.62
C SER C 18 -6.24 -0.98 -13.11
N ILE C 19 -6.78 -1.97 -12.41
CA ILE C 19 -6.56 -2.16 -10.99
C ILE C 19 -6.08 -3.58 -10.77
N ARG C 20 -5.11 -3.76 -9.86
CA ARG C 20 -4.74 -5.10 -9.43
C ARG C 20 -4.81 -5.16 -7.91
N VAL C 21 -5.48 -6.16 -7.37
CA VAL C 21 -5.64 -6.36 -5.94
C VAL C 21 -5.05 -7.73 -5.59
N TYR C 22 -4.08 -7.73 -4.67
CA TYR C 22 -3.41 -8.95 -4.23
C TYR C 22 -3.92 -9.29 -2.84
N THR C 23 -4.23 -10.56 -2.61
CA THR C 23 -4.76 -10.99 -1.32
C THR C 23 -3.89 -12.11 -0.77
N ALA C 24 -3.36 -11.90 0.44
CA ALA C 24 -2.67 -12.94 1.17
C ALA C 24 -3.68 -13.65 2.04
N ASN C 25 -3.85 -14.95 1.83
CA ASN C 25 -4.86 -15.73 2.53
C ASN C 25 -4.25 -17.09 2.81
N ASN C 26 -4.12 -17.43 4.09
CA ASN C 26 -3.63 -18.74 4.49
C ASN C 26 -2.31 -19.10 3.82
N GLY C 27 -1.41 -18.12 3.76
CA GLY C 27 -0.07 -18.36 3.26
C GLY C 27 0.10 -18.27 1.76
N LYS C 28 -0.95 -17.97 1.00
N LYS C 28 -0.95 -17.95 1.01
CA LYS C 28 -0.87 -17.88 -0.45
CA LYS C 28 -0.90 -17.88 -0.45
C LYS C 28 -1.38 -16.51 -0.89
C LYS C 28 -1.39 -16.51 -0.90
N ILE C 29 -0.73 -15.94 -1.91
CA ILE C 29 -1.15 -14.66 -2.49
C ILE C 29 -1.74 -14.91 -3.86
N THR C 30 -2.94 -14.40 -4.08
CA THR C 30 -3.58 -14.45 -5.38
C THR C 30 -3.95 -13.03 -5.82
N GLU C 31 -4.37 -12.91 -7.06
CA GLU C 31 -4.53 -11.62 -7.72
C GLU C 31 -5.87 -11.54 -8.42
N ARG C 32 -6.56 -10.41 -8.24
CA ARG C 32 -7.76 -10.07 -8.97
C ARG C 32 -7.54 -8.80 -9.75
N CYS C 33 -8.12 -8.73 -10.95
CA CYS C 33 -7.80 -7.72 -11.94
C CYS C 33 -9.06 -7.07 -12.46
N TRP C 34 -8.95 -5.78 -12.76
CA TRP C 34 -10.02 -5.00 -13.37
C TRP C 34 -9.41 -4.13 -14.44
N ASP C 35 -10.00 -4.13 -15.65
CA ASP C 35 -9.60 -3.18 -16.67
C ASP C 35 -10.81 -2.57 -17.36
N GLY C 36 -11.88 -2.34 -16.60
CA GLY C 36 -13.05 -1.64 -17.09
C GLY C 36 -14.24 -2.51 -17.44
N LYS C 37 -14.10 -3.84 -17.42
CA LYS C 37 -15.14 -4.73 -17.94
C LYS C 37 -15.31 -5.97 -17.07
N GLY C 38 -15.21 -5.82 -15.76
CA GLY C 38 -15.44 -6.93 -14.85
C GLY C 38 -14.14 -7.43 -14.21
N TRP C 39 -14.27 -7.95 -12.98
CA TRP C 39 -13.12 -8.49 -12.26
C TRP C 39 -12.85 -9.92 -12.68
N TYR C 40 -11.57 -10.27 -12.71
CA TYR C 40 -11.16 -11.61 -13.12
C TYR C 40 -9.87 -11.97 -12.41
N THR C 41 -9.56 -13.26 -12.40
CA THR C 41 -8.39 -13.77 -11.69
C THR C 41 -7.14 -13.63 -12.54
N GLY C 42 -6.09 -13.06 -11.95
CA GLY C 42 -4.84 -12.86 -12.66
C GLY C 42 -3.88 -14.02 -12.53
N ALA C 43 -2.75 -13.90 -13.24
CA ALA C 43 -1.77 -14.98 -13.29
C ALA C 43 -0.94 -15.07 -12.03
N PHE C 44 -0.93 -14.04 -11.18
CA PHE C 44 -0.02 -14.07 -10.05
C PHE C 44 -0.53 -15.02 -8.98
N ASN C 45 0.31 -15.98 -8.58
CA ASN C 45 -0.06 -16.93 -7.54
C ASN C 45 1.25 -17.41 -6.90
N GLU C 46 1.60 -16.88 -5.75
CA GLU C 46 2.85 -17.20 -5.10
C GLU C 46 2.67 -17.25 -3.60
N PRO C 47 3.55 -17.92 -2.87
CA PRO C 47 3.42 -17.98 -1.42
C PRO C 47 3.65 -16.63 -0.76
N GLY C 48 2.95 -16.43 0.36
CA GLY C 48 3.15 -15.27 1.21
C GLY C 48 2.06 -15.10 2.25
N ASP C 49 2.46 -14.68 3.45
CA ASP C 49 1.54 -14.26 4.49
C ASP C 49 1.25 -12.77 4.44
N ASN C 50 2.12 -11.99 3.81
CA ASN C 50 1.97 -10.56 3.71
C ASN C 50 2.33 -10.14 2.29
N VAL C 51 1.64 -9.10 1.81
CA VAL C 51 1.87 -8.62 0.46
C VAL C 51 1.84 -7.09 0.43
N SER C 52 2.75 -6.49 -0.33
CA SER C 52 2.64 -5.09 -0.72
C SER C 52 2.94 -4.99 -2.20
N VAL C 53 2.58 -3.87 -2.81
CA VAL C 53 2.72 -3.73 -4.25
C VAL C 53 3.00 -2.27 -4.59
N THR C 54 3.77 -2.08 -5.66
CA THR C 54 3.89 -0.77 -6.30
C THR C 54 3.96 -1.00 -7.80
N SER C 55 3.62 0.03 -8.57
CA SER C 55 3.71 -0.08 -10.02
C SER C 55 4.03 1.28 -10.61
N TRP C 56 4.58 1.27 -11.81
CA TRP C 56 4.90 2.51 -12.51
C TRP C 56 4.82 2.28 -14.01
N LEU C 57 4.55 3.36 -14.73
CA LEU C 57 4.51 3.34 -16.19
C LEU C 57 5.82 3.82 -16.78
N VAL C 58 6.25 3.16 -17.84
CA VAL C 58 7.30 3.68 -18.72
C VAL C 58 6.62 3.85 -20.07
N GLY C 59 6.22 5.08 -20.39
CA GLY C 59 5.34 5.26 -21.53
C GLY C 59 4.01 4.60 -21.27
N SER C 60 3.62 3.66 -22.13
CA SER C 60 2.38 2.91 -21.96
C SER C 60 2.59 1.59 -21.22
N ALA C 61 3.84 1.20 -20.96
CA ALA C 61 4.14 -0.11 -20.41
C ALA C 61 4.08 -0.07 -18.90
N ILE C 62 3.21 -0.90 -18.32
CA ILE C 62 3.11 -0.99 -16.86
C ILE C 62 4.17 -1.97 -16.35
N HIS C 63 4.77 -1.61 -15.22
CA HIS C 63 5.71 -2.47 -14.51
C HIS C 63 5.20 -2.59 -13.08
N ILE C 64 5.09 -3.83 -12.60
CA ILE C 64 4.54 -4.10 -11.27
C ILE C 64 5.57 -4.84 -10.44
N ARG C 65 5.67 -4.46 -9.16
CA ARG C 65 6.52 -5.16 -8.21
C ARG C 65 5.67 -5.56 -7.02
N VAL C 66 5.60 -6.86 -6.76
CA VAL C 66 4.88 -7.42 -5.62
C VAL C 66 5.90 -7.93 -4.61
N TYR C 67 5.78 -7.52 -3.36
CA TYR C 67 6.68 -7.94 -2.28
C TYR C 67 5.94 -8.94 -1.40
N ALA C 68 6.28 -10.22 -1.55
CA ALA C 68 5.62 -11.30 -0.85
C ALA C 68 6.51 -11.76 0.30
N SER C 69 5.98 -11.72 1.53
CA SER C 69 6.76 -12.08 2.71
C SER C 69 6.20 -13.33 3.37
N THR C 70 7.10 -14.27 3.68
CA THR C 70 6.80 -15.40 4.55
C THR C 70 7.88 -15.42 5.61
N GLY C 71 7.46 -15.34 6.88
CA GLY C 71 8.45 -15.20 7.93
C GLY C 71 9.17 -13.88 7.77
N THR C 72 10.50 -13.93 7.79
CA THR C 72 11.32 -12.73 7.58
C THR C 72 11.89 -12.66 6.18
N THR C 73 11.43 -13.52 5.27
CA THR C 73 11.94 -13.58 3.91
C THR C 73 10.94 -12.92 2.97
N THR C 74 11.36 -11.82 2.36
CA THR C 74 10.56 -11.11 1.38
C THR C 74 11.09 -11.40 -0.01
N THR C 75 10.24 -11.91 -0.88
CA THR C 75 10.57 -12.15 -2.27
C THR C 75 9.87 -11.10 -3.12
N GLU C 76 10.62 -10.46 -4.00
CA GLU C 76 10.08 -9.53 -4.98
C GLU C 76 9.71 -10.27 -6.26
N TRP C 77 8.51 -10.02 -6.74
CA TRP C 77 8.02 -10.56 -8.00
C TRP C 77 7.80 -9.41 -8.97
N CYS C 78 8.21 -9.60 -10.22
CA CYS C 78 8.29 -8.53 -11.19
C CYS C 78 7.44 -8.87 -12.40
N TRP C 79 6.57 -7.95 -12.78
CA TRP C 79 5.85 -8.03 -14.04
C TRP C 79 6.36 -6.91 -14.93
N ASP C 80 6.86 -7.28 -16.11
CA ASP C 80 7.41 -6.30 -17.05
C ASP C 80 6.89 -6.58 -18.46
N GLY C 81 5.61 -6.92 -18.56
CA GLY C 81 4.97 -7.08 -19.85
C GLY C 81 4.82 -8.50 -20.32
N ASN C 82 5.54 -9.46 -19.73
CA ASN C 82 5.48 -10.84 -20.23
C ASN C 82 5.85 -11.85 -19.13
N GLY C 83 4.98 -11.96 -18.13
CA GLY C 83 5.11 -12.98 -17.11
C GLY C 83 5.79 -12.45 -15.86
N TRP C 84 5.55 -13.13 -14.75
CA TRP C 84 6.15 -12.80 -13.46
C TRP C 84 7.48 -13.50 -13.29
N THR C 85 8.48 -12.76 -12.81
CA THR C 85 9.81 -13.30 -12.58
C THR C 85 10.30 -12.79 -11.23
N LYS C 86 11.20 -13.53 -10.60
CA LYS C 86 11.71 -13.11 -9.30
C LYS C 86 12.71 -11.97 -9.47
N GLY C 87 12.61 -10.97 -8.60
CA GLY C 87 13.51 -9.83 -8.66
C GLY C 87 14.70 -9.98 -7.72
N ALA C 88 15.59 -8.99 -7.79
CA ALA C 88 16.83 -8.99 -7.03
C ALA C 88 16.65 -8.57 -5.58
N TYR C 89 15.47 -8.08 -5.18
CA TYR C 89 15.29 -7.55 -3.83
C TYR C 89 15.73 -8.55 -2.77
N THR C 90 16.53 -8.07 -1.82
CA THR C 90 16.79 -8.76 -0.56
C THR C 90 16.65 -7.74 0.57
N ALA C 91 16.28 -8.21 1.75
CA ALA C 91 16.00 -7.31 2.86
C ALA C 91 17.28 -7.07 3.67
N THR C 92 17.13 -6.33 4.77
CA THR C 92 18.25 -6.09 5.66
C THR C 92 18.68 -7.37 6.37
N ASN C 93 17.72 -8.15 6.84
CA ASN C 93 18.01 -9.41 7.51
C ASN C 93 18.34 -10.52 6.51
C1 BDF D . 18.69 7.19 -0.45
C2 BDF D . 17.68 8.00 0.34
C3 BDF D . 17.22 7.28 1.63
C4 BDF D . 16.08 8.07 2.28
C5 BDF D . 14.96 8.29 1.29
C6 BDF D . 15.50 8.96 0.05
O1 BDF D . 19.22 7.96 -1.52
O2 BDF D . 18.18 9.25 0.71
O3 BDF D . 18.31 7.16 2.55
O4 BDF D . 15.64 7.40 3.46
O5 BDF D . 14.40 7.03 0.88
O6 BDF D . 16.56 8.17 -0.52
C1 BDF E . 5.59 18.19 5.56
C2 BDF E . 4.07 18.13 5.47
C3 BDF E . 3.50 17.22 6.57
C4 BDF E . 1.99 17.06 6.36
C5 BDF E . 1.74 16.50 4.97
C6 BDF E . 2.38 17.40 3.94
O1 BDF E . 6.13 19.09 4.60
O2 BDF E . 3.49 19.40 5.62
O3 BDF E . 3.75 17.76 7.86
O4 BDF E . 1.45 16.22 7.36
O5 BDF E . 2.30 15.20 4.87
O6 BDF E . 3.77 17.58 4.19
O3 T3Y F . 3.71 -16.90 17.22
S1 T3Y F . 4.61 -17.75 16.40
O1 T3Y F . 5.55 -16.95 15.66
O2 T3Y F . 3.85 -18.67 15.59
C1 T3Y F . 5.55 -18.72 17.55
C24 T3Y F . 6.13 -19.91 17.13
C23 T3Y F . 6.86 -20.68 18.01
C22 T3Y F . 7.51 -21.98 17.56
C2 T3Y F . 5.70 -18.29 18.85
C3 T3Y F . 6.43 -19.03 19.76
C25 T3Y F . 7.01 -20.23 19.33
O13 T3Y F . 7.73 -20.97 20.22
C4 T3Y F . 6.60 -18.55 21.19
C5 T3Y F . 7.79 -17.62 21.36
C6 T3Y F . 7.57 -16.26 21.52
C7 T3Y F . 8.65 -15.39 21.66
S2 T3Y F . 8.36 -13.65 21.90
O4 T3Y F . 7.74 -13.16 20.69
O5 T3Y F . 7.46 -13.54 23.07
O6 T3Y F . 9.64 -13.08 22.20
C8 T3Y F . 9.94 -15.87 21.66
C28 T3Y F . 9.11 -18.08 21.35
O16 T3Y F . 9.36 -19.41 21.19
C9 T3Y F . 10.20 -17.21 21.51
C10 T3Y F . 11.64 -17.70 21.51
C11 T3Y F . 12.18 -18.02 20.13
C12 T3Y F . 12.75 -17.04 19.33
C13 T3Y F . 13.25 -17.34 18.07
S3 T3Y F . 13.98 -16.07 17.08
O7 T3Y F . 14.01 -14.88 17.89
O8 T3Y F . 13.08 -15.88 15.92
O9 T3Y F . 15.26 -16.57 16.66
C14 T3Y F . 13.18 -18.64 17.59
C27 T3Y F . 12.12 -19.33 19.62
O15 T3Y F . 11.55 -20.30 20.39
C15 T3Y F . 12.61 -19.65 18.35
C16 T3Y F . 12.51 -21.06 17.81
C17 T3Y F . 11.24 -21.23 17.02
C18 T3Y F . 11.26 -21.05 15.64
C26 T3Y F . 10.01 -21.53 17.64
O14 T3Y F . 9.97 -21.70 18.99
C21 T3Y F . 8.84 -21.68 16.89
C20 T3Y F . 8.90 -21.49 15.51
C19 T3Y F . 10.10 -21.21 14.90
S4 T3Y F . 10.16 -20.97 13.14
O11 T3Y F . 11.53 -21.14 12.74
O10 T3Y F . 9.70 -19.58 12.90
O12 T3Y F . 9.23 -21.92 12.57
C1 BDF G . -12.85 15.33 2.08
C2 BDF G . -13.42 14.21 1.22
C3 BDF G . -13.66 12.97 2.10
C4 BDF G . -14.03 11.77 1.24
C5 BDF G . -12.97 11.54 0.17
C6 BDF G . -12.77 12.82 -0.63
O1 BDF G . -12.45 16.45 1.33
O2 BDF G . -14.63 14.57 0.61
O3 BDF G . -14.67 13.26 3.05
O4 BDF G . -14.20 10.63 2.08
O5 BDF G . -11.72 11.19 0.76
O6 BDF G . -12.43 13.92 0.23
C1 BDF H . -17.30 1.84 -9.76
C2 BDF H . -16.45 0.73 -10.37
C3 BDF H . -16.34 -0.47 -9.43
C4 BDF H . -15.32 -1.47 -9.97
C5 BDF H . -13.98 -0.78 -10.18
C6 BDF H . -14.18 0.40 -11.11
O1 BDF H . -17.52 2.88 -10.70
O2 BDF H . -16.99 0.29 -11.58
O3 BDF H . -17.60 -1.13 -9.29
O4 BDF H . -15.19 -2.57 -9.07
O5 BDF H . -13.44 -0.31 -8.95
O6 BDF H . -15.16 1.31 -10.57
O3 T3Y I . -13.96 -20.55 5.83
S1 T3Y I . -13.69 -19.92 7.15
O1 T3Y I . -13.28 -18.56 7.00
O2 T3Y I . -12.78 -20.73 7.92
C1 T3Y I . -15.24 -19.91 8.02
C24 T3Y I . -15.50 -20.91 8.94
C23 T3Y I . -16.70 -20.93 9.64
C22 T3Y I . -16.99 -22.02 10.65
C2 T3Y I . -16.16 -18.91 7.79
C3 T3Y I . -17.37 -18.88 8.47
C25 T3Y I . -17.63 -19.91 9.40
O13 T3Y I . -18.82 -19.89 10.07
C4 T3Y I . -18.38 -17.79 8.21
C5 T3Y I . -18.16 -16.57 9.10
C6 T3Y I . -17.55 -15.44 8.58
C7 T3Y I . -17.32 -14.34 9.38
S2 T3Y I . -16.54 -12.90 8.71
O4 T3Y I . -15.65 -12.39 9.72
O5 T3Y I . -17.62 -11.92 8.41
O6 T3Y I . -15.87 -13.32 7.49
C8 T3Y I . -17.72 -14.34 10.71
C28 T3Y I . -18.56 -16.57 10.45
O16 T3Y I . -19.16 -17.68 10.97
C9 T3Y I . -18.35 -15.46 11.26
C10 T3Y I . -18.76 -15.45 12.72
C11 T3Y I . -17.74 -16.15 13.59
C12 T3Y I . -16.62 -15.48 14.05
C13 T3Y I . -15.68 -16.11 14.84
S3 T3Y I . -14.25 -15.24 15.41
O7 T3Y I . -14.72 -14.01 16.00
O8 T3Y I . -13.42 -14.97 14.21
O9 T3Y I . -13.58 -16.12 16.32
C14 T3Y I . -15.84 -17.45 15.19
C27 T3Y I . -17.89 -17.51 13.94
O15 T3Y I . -18.99 -18.18 13.50
C15 T3Y I . -16.95 -18.16 14.75
C16 T3Y I . -17.12 -19.62 15.14
C17 T3Y I . -16.44 -20.56 14.16
C18 T3Y I . -15.23 -21.16 14.49
C26 T3Y I . -17.00 -20.84 12.91
O14 T3Y I . -18.18 -20.24 12.57
C21 T3Y I . -16.38 -21.72 12.00
C20 T3Y I . -15.18 -22.30 12.38
C19 T3Y I . -14.61 -22.03 13.60
S4 T3Y I . -13.09 -22.83 14.06
O11 T3Y I . -12.54 -22.10 15.18
O10 T3Y I . -13.44 -24.22 14.43
O12 T3Y I . -12.26 -22.83 12.88
C1 BDF J . -4.12 -9.61 -16.69
C2 BDF J . -2.64 -9.60 -16.34
C3 BDF J . -2.36 -10.50 -15.11
C4 BDF J . -0.91 -10.33 -14.67
C5 BDF J . -0.63 -8.86 -14.40
C6 BDF J . -0.94 -8.04 -15.64
O1 BDF J . -4.38 -8.84 -17.86
O2 BDF J . -1.85 -10.10 -17.39
O3 BDF J . -2.63 -11.86 -15.43
O4 BDF J . -0.72 -11.13 -13.50
O5 BDF J . -1.44 -8.35 -13.34
O6 BDF J . -2.31 -8.25 -16.03
C1 BDF K . 13.83 -6.61 -12.66
C2 BDF K . 14.47 -5.65 -11.67
C3 BDF K . 14.50 -6.25 -10.26
C4 BDF K . 14.97 -5.21 -9.24
C5 BDF K . 14.07 -3.98 -9.33
C6 BDF K . 14.08 -3.46 -10.76
O1 BDF K . 13.92 -6.10 -13.98
O2 BDF K . 15.78 -5.33 -12.04
O3 BDF K . 15.33 -7.42 -10.23
O4 BDF K . 14.93 -5.75 -7.93
O5 BDF K . 12.72 -4.31 -8.98
O6 BDF K . 13.65 -4.49 -11.67
#